data_2FR7
#
_entry.id   2FR7
#
_cell.length_a   72.160
_cell.length_b   74.671
_cell.length_c   83.679
_cell.angle_alpha   90.00
_cell.angle_beta   90.00
_cell.angle_gamma   90.00
#
_symmetry.space_group_name_H-M   'P 21 21 21'
#
loop_
_entity.id
_entity.type
_entity.pdbx_description
1 polymer 'putative cytochrome P450'
2 non-polymer 'PROTOPORPHYRIN IX CONTAINING FE'
3 water water
#
_entity_poly.entity_id   1
_entity_poly.type   'polypeptide(L)'
_entity_poly.pdbx_seq_one_letter_code
;MTTAPSLVPVTTPSQHGAGVPHLGIDPFALDYFADPYPEQETLREAGPVVYLDKWNVYGVARYAEVYAVLNDPLTFCSSR
GVGLSDFKKEKPWRPPSLILEADPPAHTRTRAVLSKVLSPATMKRLRDGFAAAADAKIDELLARGGNIDAIADLAEAYPL
SVFPDAMGLKQEGRENLLPYAGLVFNAFGPPNELRQSAIERSAPHQAYVAEQCQRPNLAPGGFGACIHAFSDTGEITPEE
APLLVRSLLSAGLDTTVNGIAAAVYCLARFPDEFARLRADPSLARNAFEEAVRFESPVQTFFRTTTRDVELAGATIGEGE
KVLMFLGSANRDPRRWDDPDRYDITRKTSGHVGFGSGVHMCVGQLVARLEGEVVLAALARKVAAIEIAGPLKRRFNNTLR
GLESLPIQLTPA
;
_entity_poly.pdbx_strand_id   A
#
# COMPACT_ATOMS: atom_id res chain seq x y z
N HIS A 16 12.10 -29.68 -2.44
CA HIS A 16 11.25 -28.50 -2.07
C HIS A 16 9.84 -28.62 -2.63
N GLY A 17 8.88 -28.07 -1.91
CA GLY A 17 7.49 -28.13 -2.34
C GLY A 17 6.91 -29.52 -2.33
N ALA A 18 7.44 -30.40 -1.49
CA ALA A 18 6.92 -31.76 -1.41
C ALA A 18 5.48 -31.79 -0.91
N GLY A 19 4.64 -32.59 -1.56
CA GLY A 19 3.26 -32.74 -1.12
C GLY A 19 2.27 -31.65 -1.48
N VAL A 20 2.71 -30.58 -2.15
CA VAL A 20 1.81 -29.51 -2.53
C VAL A 20 1.81 -29.34 -4.05
N PRO A 21 0.77 -28.70 -4.60
CA PRO A 21 0.68 -28.48 -6.05
C PRO A 21 1.75 -27.49 -6.53
N HIS A 22 2.41 -27.82 -7.64
CA HIS A 22 3.41 -26.93 -8.21
C HIS A 22 2.77 -26.21 -9.39
N LEU A 23 3.09 -24.93 -9.57
CA LEU A 23 2.51 -24.15 -10.66
C LEU A 23 3.56 -23.32 -11.39
N GLY A 24 3.30 -23.03 -12.66
CA GLY A 24 4.22 -22.23 -13.45
C GLY A 24 3.84 -20.76 -13.52
N ILE A 25 2.90 -20.36 -12.68
CA ILE A 25 2.46 -18.97 -12.63
C ILE A 25 3.61 -18.07 -12.19
N ASP A 26 3.82 -16.97 -12.92
CA ASP A 26 4.89 -16.02 -12.64
C ASP A 26 4.28 -14.75 -12.03
N PRO A 27 4.38 -14.58 -10.70
CA PRO A 27 3.83 -13.42 -10.01
C PRO A 27 4.61 -12.11 -10.16
N PHE A 28 5.62 -12.10 -11.02
CA PHE A 28 6.40 -10.90 -11.24
C PHE A 28 6.49 -10.56 -12.73
N ALA A 29 5.66 -11.22 -13.53
CA ALA A 29 5.64 -10.99 -14.98
C ALA A 29 4.64 -9.90 -15.33
N LEU A 30 5.00 -9.06 -16.30
CA LEU A 30 4.11 -7.97 -16.70
C LEU A 30 2.78 -8.48 -17.26
N ASP A 31 2.79 -9.66 -17.88
CA ASP A 31 1.56 -10.24 -18.43
C ASP A 31 0.63 -10.56 -17.28
N TYR A 32 1.21 -10.94 -16.14
CA TYR A 32 0.43 -11.26 -14.95
C TYR A 32 -0.14 -9.97 -14.37
N PHE A 33 0.73 -8.96 -14.21
CA PHE A 33 0.33 -7.66 -13.68
C PHE A 33 -0.78 -7.02 -14.51
N ALA A 34 -0.73 -7.19 -15.82
CA ALA A 34 -1.73 -6.58 -16.69
C ALA A 34 -3.13 -7.20 -16.57
N ASP A 35 -3.18 -8.46 -16.16
CA ASP A 35 -4.45 -9.20 -16.05
C ASP A 35 -4.26 -10.30 -14.99
N PRO A 36 -4.15 -9.91 -13.71
CA PRO A 36 -3.94 -10.82 -12.57
C PRO A 36 -5.03 -11.71 -12.02
N TYR A 37 -6.30 -11.31 -12.12
CA TYR A 37 -7.38 -12.08 -11.53
C TYR A 37 -7.57 -13.54 -11.94
N PRO A 38 -7.46 -13.86 -13.24
CA PRO A 38 -7.66 -15.27 -13.57
C PRO A 38 -6.63 -16.16 -12.87
N GLU A 39 -5.36 -15.75 -12.89
CA GLU A 39 -4.32 -16.54 -12.25
C GLU A 39 -4.42 -16.53 -10.74
N GLN A 40 -4.94 -15.45 -10.16
CA GLN A 40 -5.08 -15.42 -8.72
C GLN A 40 -6.12 -16.46 -8.33
N GLU A 41 -7.11 -16.67 -9.19
CA GLU A 41 -8.14 -17.65 -8.93
C GLU A 41 -7.54 -19.04 -9.05
N THR A 42 -6.68 -19.23 -10.06
CA THR A 42 -6.03 -20.52 -10.25
C THR A 42 -5.22 -20.85 -9.01
N LEU A 43 -4.54 -19.84 -8.46
CA LEU A 43 -3.74 -20.04 -7.25
C LEU A 43 -4.61 -20.52 -6.09
N ARG A 44 -5.80 -19.93 -5.95
CA ARG A 44 -6.70 -20.30 -4.86
C ARG A 44 -7.28 -21.70 -5.04
N GLU A 45 -7.64 -22.03 -6.28
CA GLU A 45 -8.24 -23.32 -6.58
C GLU A 45 -7.26 -24.50 -6.56
N ALA A 46 -5.98 -24.21 -6.76
CA ALA A 46 -4.97 -25.26 -6.78
C ALA A 46 -4.84 -25.89 -5.40
N GLY A 47 -5.04 -25.08 -4.37
CA GLY A 47 -4.93 -25.59 -3.01
C GLY A 47 -4.62 -24.44 -2.09
N PRO A 48 -4.64 -24.66 -0.76
CA PRO A 48 -4.34 -23.58 0.17
C PRO A 48 -2.86 -23.19 0.17
N VAL A 49 -2.02 -24.12 -0.25
CA VAL A 49 -0.58 -23.90 -0.31
C VAL A 49 -0.04 -24.44 -1.63
N VAL A 50 0.63 -23.59 -2.40
CA VAL A 50 1.20 -23.99 -3.67
C VAL A 50 2.69 -23.70 -3.70
N TYR A 51 3.37 -24.21 -4.72
CA TYR A 51 4.80 -23.98 -4.86
C TYR A 51 5.02 -23.43 -6.26
N LEU A 52 5.70 -22.28 -6.33
CA LEU A 52 5.96 -21.64 -7.61
C LEU A 52 7.36 -21.99 -8.13
N ASP A 53 7.40 -22.93 -9.08
CA ASP A 53 8.64 -23.41 -9.67
C ASP A 53 9.56 -22.35 -10.30
N LYS A 54 8.97 -21.30 -10.85
CA LYS A 54 9.77 -20.25 -11.49
C LYS A 54 10.63 -19.47 -10.50
N TRP A 55 10.25 -19.48 -9.23
CA TRP A 55 10.99 -18.75 -8.22
C TRP A 55 11.32 -19.58 -6.99
N ASN A 56 10.93 -20.85 -7.02
CA ASN A 56 11.16 -21.77 -5.91
C ASN A 56 10.78 -21.19 -4.55
N VAL A 57 9.53 -20.76 -4.44
CA VAL A 57 9.01 -20.22 -3.20
C VAL A 57 7.60 -20.75 -3.05
N TYR A 58 7.10 -20.82 -1.82
CA TYR A 58 5.75 -21.27 -1.57
C TYR A 58 4.82 -20.09 -1.75
N GLY A 59 3.53 -20.36 -1.94
CA GLY A 59 2.57 -19.29 -2.11
C GLY A 59 1.23 -19.63 -1.45
N VAL A 60 0.55 -18.62 -0.92
CA VAL A 60 -0.77 -18.80 -0.31
C VAL A 60 -1.62 -17.67 -0.84
N ALA A 61 -2.78 -18.00 -1.40
CA ALA A 61 -3.67 -17.00 -2.00
C ALA A 61 -5.09 -16.95 -1.48
N ARG A 62 -5.47 -17.88 -0.61
CA ARG A 62 -6.81 -17.89 -0.06
C ARG A 62 -6.83 -17.00 1.17
N TYR A 63 -7.99 -16.44 1.49
CA TYR A 63 -8.12 -15.55 2.65
C TYR A 63 -7.71 -16.24 3.95
N ALA A 64 -8.21 -17.46 4.16
CA ALA A 64 -7.91 -18.20 5.37
C ALA A 64 -6.42 -18.27 5.70
N GLU A 65 -5.61 -18.78 4.76
CA GLU A 65 -4.18 -18.89 5.01
C GLU A 65 -3.46 -17.55 5.05
N VAL A 66 -3.84 -16.60 4.20
CA VAL A 66 -3.18 -15.30 4.23
C VAL A 66 -3.38 -14.66 5.60
N TYR A 67 -4.61 -14.69 6.09
CA TYR A 67 -4.93 -14.11 7.39
C TYR A 67 -4.14 -14.81 8.49
N ALA A 68 -4.13 -16.14 8.44
CA ALA A 68 -3.41 -16.93 9.44
C ALA A 68 -1.93 -16.61 9.47
N VAL A 69 -1.28 -16.63 8.30
CA VAL A 69 0.14 -16.36 8.23
C VAL A 69 0.47 -14.96 8.76
N LEU A 70 -0.28 -13.96 8.32
CA LEU A 70 -0.04 -12.59 8.78
C LEU A 70 -0.12 -12.50 10.30
N ASN A 71 -0.97 -13.33 10.90
CA ASN A 71 -1.15 -13.32 12.35
C ASN A 71 -0.29 -14.29 13.15
N ASP A 72 0.75 -14.83 12.51
CA ASP A 72 1.70 -15.73 13.17
C ASP A 72 3.07 -15.16 12.84
N PRO A 73 3.36 -13.95 13.35
CA PRO A 73 4.63 -13.25 13.13
C PRO A 73 5.88 -13.97 13.62
N LEU A 74 5.69 -14.83 14.62
CA LEU A 74 6.78 -15.60 15.20
C LEU A 74 7.28 -16.67 14.22
N THR A 75 6.33 -17.41 13.67
CA THR A 75 6.60 -18.49 12.74
C THR A 75 6.92 -17.97 11.34
N PHE A 76 6.12 -17.02 10.89
CA PHE A 76 6.33 -16.42 9.57
C PHE A 76 6.85 -15.01 9.82
N CYS A 77 8.16 -14.92 10.04
CA CYS A 77 8.83 -13.66 10.35
C CYS A 77 9.03 -12.68 9.20
N SER A 78 9.37 -11.45 9.57
CA SER A 78 9.61 -10.38 8.61
C SER A 78 11.06 -9.90 8.66
N SER A 79 11.79 -10.28 9.71
CA SER A 79 13.18 -9.87 9.87
C SER A 79 14.11 -10.49 8.84
N ARG A 80 13.65 -11.52 8.15
CA ARG A 80 14.48 -12.12 7.10
C ARG A 80 14.15 -11.47 5.78
N GLY A 81 13.37 -10.40 5.85
CA GLY A 81 12.99 -9.66 4.66
C GLY A 81 11.59 -9.98 4.16
N VAL A 82 10.89 -8.96 3.69
CA VAL A 82 9.55 -9.17 3.15
C VAL A 82 9.65 -9.26 1.64
N GLY A 83 10.90 -9.29 1.17
CA GLY A 83 11.16 -9.43 -0.26
C GLY A 83 11.58 -10.86 -0.53
N LEU A 84 12.10 -11.09 -1.74
CA LEU A 84 12.53 -12.43 -2.11
C LEU A 84 13.83 -12.86 -1.41
N SER A 85 14.72 -11.91 -1.15
CA SER A 85 15.98 -12.22 -0.48
C SER A 85 15.79 -12.65 0.97
N ASP A 86 16.57 -13.64 1.40
CA ASP A 86 16.54 -14.12 2.78
C ASP A 86 17.72 -13.44 3.47
N PHE A 87 17.43 -12.43 4.27
CA PHE A 87 18.46 -11.65 4.97
C PHE A 87 19.22 -12.41 6.04
N LYS A 88 18.87 -13.68 6.23
CA LYS A 88 19.53 -14.52 7.21
C LYS A 88 20.65 -15.28 6.51
N LYS A 89 20.31 -15.86 5.36
CA LYS A 89 21.24 -16.64 4.57
C LYS A 89 22.15 -15.76 3.72
N GLU A 90 21.67 -14.58 3.36
CA GLU A 90 22.42 -13.67 2.51
C GLU A 90 22.56 -12.28 3.13
N LYS A 91 23.74 -11.68 2.95
CA LYS A 91 23.99 -10.33 3.46
C LYS A 91 23.04 -9.42 2.68
N PRO A 92 22.22 -8.63 3.39
CA PRO A 92 21.26 -7.73 2.73
C PRO A 92 21.87 -6.83 1.66
N TRP A 93 21.26 -6.86 0.46
CA TRP A 93 21.74 -6.03 -0.65
C TRP A 93 21.21 -4.62 -0.44
N ARG A 94 20.25 -4.49 0.47
CA ARG A 94 19.64 -3.21 0.82
C ARG A 94 19.41 -3.26 2.33
N PRO A 95 19.46 -2.10 3.00
CA PRO A 95 19.25 -2.11 4.45
C PRO A 95 17.81 -2.49 4.82
N PRO A 96 17.64 -3.50 5.69
CA PRO A 96 16.30 -3.92 6.09
C PRO A 96 15.57 -2.80 6.85
N SER A 97 14.29 -2.64 6.59
CA SER A 97 13.52 -1.60 7.27
C SER A 97 13.46 -1.89 8.77
N LEU A 98 13.75 -0.89 9.57
CA LEU A 98 13.72 -1.05 11.02
C LEU A 98 12.32 -1.19 11.58
N ILE A 99 11.31 -1.03 10.74
CA ILE A 99 9.92 -1.17 11.17
C ILE A 99 9.23 -2.32 10.44
N LEU A 100 9.28 -2.28 9.12
CA LEU A 100 8.63 -3.31 8.31
C LEU A 100 9.33 -4.68 8.37
N GLU A 101 10.66 -4.67 8.38
CA GLU A 101 11.39 -5.92 8.41
C GLU A 101 12.05 -6.24 9.74
N ALA A 102 11.28 -6.06 10.81
CA ALA A 102 11.75 -6.34 12.17
C ALA A 102 10.68 -7.17 12.86
N ASP A 103 11.10 -8.08 13.74
CA ASP A 103 10.16 -8.91 14.47
C ASP A 103 10.18 -8.47 15.94
N PRO A 104 9.14 -8.82 16.71
CA PRO A 104 9.14 -8.42 18.12
C PRO A 104 10.34 -9.08 18.77
N PRO A 105 10.88 -8.49 19.83
CA PRO A 105 10.44 -7.24 20.45
C PRO A 105 10.95 -5.99 19.75
N ALA A 106 11.98 -6.14 18.92
CA ALA A 106 12.53 -5.00 18.20
C ALA A 106 11.44 -4.20 17.49
N HIS A 107 10.57 -4.91 16.76
CA HIS A 107 9.49 -4.27 16.02
C HIS A 107 8.53 -3.51 16.95
N THR A 108 8.29 -4.06 18.13
CA THR A 108 7.39 -3.44 19.10
C THR A 108 7.87 -2.04 19.49
N ARG A 109 9.18 -1.89 19.63
CA ARG A 109 9.78 -0.62 20.01
C ARG A 109 9.61 0.47 18.95
N THR A 110 9.95 0.16 17.70
CA THR A 110 9.82 1.15 16.62
C THR A 110 8.37 1.38 16.22
N ARG A 111 7.55 0.34 16.35
CA ARG A 111 6.14 0.44 16.01
C ARG A 111 5.43 1.40 16.98
N ALA A 112 5.74 1.25 18.27
CA ALA A 112 5.14 2.08 19.31
C ALA A 112 5.29 3.58 19.05
N VAL A 113 6.45 3.98 18.54
CA VAL A 113 6.71 5.38 18.23
C VAL A 113 5.80 5.85 17.10
N LEU A 114 5.80 5.10 16.00
CA LEU A 114 4.99 5.43 14.84
C LEU A 114 3.51 5.41 15.16
N SER A 115 3.11 4.47 16.00
CA SER A 115 1.71 4.32 16.39
C SER A 115 1.24 5.54 17.18
N LYS A 116 2.11 6.09 18.02
CA LYS A 116 1.75 7.25 18.81
C LYS A 116 1.69 8.49 17.93
N VAL A 117 2.62 8.60 16.99
CA VAL A 117 2.68 9.75 16.09
C VAL A 117 1.49 9.82 15.13
N LEU A 118 1.02 8.65 14.68
CA LEU A 118 -0.08 8.59 13.74
C LEU A 118 -1.38 8.15 14.38
N SER A 119 -1.65 8.69 15.56
CA SER A 119 -2.84 8.35 16.33
C SER A 119 -4.14 9.00 15.84
N PRO A 120 -5.28 8.51 16.35
CA PRO A 120 -6.59 9.05 15.98
C PRO A 120 -6.68 10.54 16.35
N ALA A 121 -6.19 10.89 17.53
CA ALA A 121 -6.22 12.27 17.99
C ALA A 121 -5.49 13.16 16.98
N THR A 122 -4.37 12.65 16.47
CA THR A 122 -3.59 13.39 15.49
C THR A 122 -4.39 13.58 14.20
N MET A 123 -5.06 12.51 13.74
CA MET A 123 -5.86 12.59 12.54
C MET A 123 -7.00 13.58 12.73
N LYS A 124 -7.61 13.54 13.91
CA LYS A 124 -8.71 14.43 14.25
C LYS A 124 -8.26 15.88 14.10
N ARG A 125 -7.03 16.16 14.50
CA ARG A 125 -6.50 17.51 14.41
C ARG A 125 -6.23 17.91 12.96
N LEU A 126 -5.86 16.94 12.13
CA LEU A 126 -5.55 17.19 10.73
C LEU A 126 -6.75 17.20 9.79
N ARG A 127 -7.84 16.54 10.19
CA ARG A 127 -9.04 16.43 9.37
C ARG A 127 -9.48 17.66 8.59
N ASP A 128 -9.70 18.78 9.29
CA ASP A 128 -10.13 20.01 8.62
C ASP A 128 -9.18 20.44 7.51
N GLY A 129 -7.89 20.40 7.80
CA GLY A 129 -6.89 20.80 6.82
C GLY A 129 -6.91 19.88 5.60
N PHE A 130 -7.04 18.58 5.83
CA PHE A 130 -7.06 17.61 4.74
C PHE A 130 -8.32 17.80 3.89
N ALA A 131 -9.44 18.02 4.55
CA ALA A 131 -10.71 18.21 3.85
C ALA A 131 -10.67 19.47 3.00
N ALA A 132 -10.20 20.57 3.59
CA ALA A 132 -10.13 21.84 2.89
C ALA A 132 -9.29 21.72 1.60
N ALA A 133 -8.21 20.96 1.68
CA ALA A 133 -7.33 20.78 0.53
C ALA A 133 -8.04 19.92 -0.52
N ALA A 134 -8.82 18.95 -0.06
CA ALA A 134 -9.55 18.08 -0.96
C ALA A 134 -10.62 18.87 -1.72
N ASP A 135 -11.40 19.65 -0.99
CA ASP A 135 -12.45 20.45 -1.63
C ASP A 135 -11.86 21.39 -2.66
N ALA A 136 -10.77 22.07 -2.29
CA ALA A 136 -10.11 23.01 -3.19
C ALA A 136 -9.59 22.32 -4.45
N LYS A 137 -9.00 21.14 -4.28
CA LYS A 137 -8.46 20.39 -5.41
C LYS A 137 -9.59 20.07 -6.39
N ILE A 138 -10.70 19.56 -5.88
CA ILE A 138 -11.82 19.22 -6.75
C ILE A 138 -12.39 20.47 -7.43
N ASP A 139 -12.49 21.58 -6.70
CA ASP A 139 -13.00 22.81 -7.31
C ASP A 139 -12.05 23.17 -8.45
N GLU A 140 -10.76 23.07 -8.16
CA GLU A 140 -9.72 23.39 -9.12
C GLU A 140 -9.84 22.55 -10.38
N LEU A 141 -10.00 21.24 -10.21
CA LEU A 141 -10.12 20.35 -11.36
C LEU A 141 -11.36 20.70 -12.19
N LEU A 142 -12.47 20.94 -11.50
CA LEU A 142 -13.70 21.30 -12.18
C LEU A 142 -13.56 22.61 -12.95
N ALA A 143 -12.79 23.53 -12.40
CA ALA A 143 -12.57 24.83 -13.02
C ALA A 143 -11.91 24.73 -14.40
N ARG A 144 -10.95 23.83 -14.55
CA ARG A 144 -10.28 23.65 -15.83
C ARG A 144 -11.27 22.98 -16.77
N GLY A 145 -12.13 22.17 -16.16
CA GLY A 145 -13.13 21.40 -16.88
C GLY A 145 -13.01 20.01 -16.28
N GLY A 146 -13.99 19.15 -16.48
CA GLY A 146 -13.88 17.82 -15.90
C GLY A 146 -12.81 16.91 -16.48
N ASN A 147 -12.32 17.26 -17.67
CA ASN A 147 -11.30 16.48 -18.41
C ASN A 147 -9.89 16.49 -17.80
N ILE A 148 -9.62 15.55 -16.89
CA ILE A 148 -8.31 15.48 -16.26
C ILE A 148 -7.79 14.06 -16.11
N ASP A 149 -6.52 13.94 -15.73
CA ASP A 149 -5.95 12.61 -15.53
C ASP A 149 -6.00 12.31 -14.04
N ALA A 150 -6.89 11.39 -13.68
CA ALA A 150 -7.10 11.01 -12.29
C ALA A 150 -5.83 10.64 -11.53
N ILE A 151 -4.77 10.32 -12.24
CA ILE A 151 -3.53 9.96 -11.56
C ILE A 151 -2.69 11.20 -11.27
N ALA A 152 -2.06 11.77 -12.29
CA ALA A 152 -1.24 12.95 -12.09
C ALA A 152 -1.98 14.11 -11.42
N ASP A 153 -3.20 14.37 -11.86
CA ASP A 153 -3.98 15.48 -11.34
C ASP A 153 -4.74 15.29 -10.03
N LEU A 154 -4.81 14.06 -9.53
CA LEU A 154 -5.56 13.83 -8.30
C LEU A 154 -4.95 12.79 -7.38
N ALA A 155 -4.81 11.56 -7.87
CA ALA A 155 -4.24 10.46 -7.09
C ALA A 155 -2.86 10.80 -6.57
N GLU A 156 -2.08 11.52 -7.38
CA GLU A 156 -0.73 11.92 -6.98
C GLU A 156 -0.72 13.36 -6.42
N ALA A 157 -1.38 14.27 -7.13
CA ALA A 157 -1.42 15.67 -6.72
C ALA A 157 -1.95 15.89 -5.30
N TYR A 158 -3.09 15.29 -4.96
CA TYR A 158 -3.63 15.51 -3.61
C TYR A 158 -2.68 15.03 -2.51
N PRO A 159 -2.29 13.74 -2.50
CA PRO A 159 -1.39 13.34 -1.42
C PRO A 159 -0.05 14.06 -1.41
N LEU A 160 0.45 14.45 -2.59
CA LEU A 160 1.73 15.15 -2.63
C LEU A 160 1.65 16.50 -1.93
N SER A 161 0.42 16.96 -1.69
CA SER A 161 0.24 18.22 -1.01
C SER A 161 0.05 18.01 0.49
N VAL A 162 -1.01 17.32 0.88
CA VAL A 162 -1.30 17.10 2.29
C VAL A 162 -0.36 16.16 3.07
N PHE A 163 0.14 15.10 2.42
CA PHE A 163 1.00 14.16 3.15
C PHE A 163 2.36 14.76 3.55
N PRO A 164 3.06 15.42 2.61
CA PRO A 164 4.36 16.00 2.95
C PRO A 164 4.17 17.13 3.97
N ASP A 165 3.02 17.78 3.90
CA ASP A 165 2.67 18.86 4.82
C ASP A 165 2.56 18.31 6.23
N ALA A 166 1.81 17.21 6.37
CA ALA A 166 1.63 16.57 7.66
C ALA A 166 2.96 16.02 8.18
N MET A 167 3.84 15.62 7.26
CA MET A 167 5.15 15.09 7.65
C MET A 167 6.07 16.22 8.11
N GLY A 168 5.84 17.42 7.58
CA GLY A 168 6.67 18.55 7.93
C GLY A 168 7.74 18.80 6.89
N LEU A 169 7.56 18.23 5.70
CA LEU A 169 8.50 18.42 4.60
C LEU A 169 8.26 19.77 3.92
N LYS A 170 9.33 20.37 3.42
CA LYS A 170 9.21 21.67 2.76
C LYS A 170 8.25 21.61 1.58
N GLN A 171 7.71 22.76 1.22
CA GLN A 171 6.75 22.89 0.13
C GLN A 171 7.29 22.62 -1.28
N GLU A 172 8.47 23.16 -1.57
CA GLU A 172 9.07 23.00 -2.89
C GLU A 172 9.86 21.71 -3.10
N GLY A 173 10.03 21.34 -4.36
CA GLY A 173 10.79 20.15 -4.71
C GLY A 173 10.12 18.81 -4.48
N ARG A 174 8.80 18.82 -4.30
CA ARG A 174 8.07 17.58 -4.08
C ARG A 174 8.03 16.72 -5.33
N GLU A 175 8.49 17.28 -6.44
CA GLU A 175 8.50 16.57 -7.71
C GLU A 175 9.37 15.33 -7.66
N ASN A 176 10.28 15.25 -6.70
CA ASN A 176 11.14 14.07 -6.63
C ASN A 176 10.82 13.08 -5.51
N LEU A 177 9.65 13.23 -4.89
CA LEU A 177 9.24 12.31 -3.84
C LEU A 177 8.83 10.98 -4.48
N LEU A 178 8.00 11.05 -5.52
CA LEU A 178 7.56 9.81 -6.17
C LEU A 178 8.72 9.08 -6.87
N PRO A 179 9.64 9.83 -7.50
CA PRO A 179 10.76 9.15 -8.15
C PRO A 179 11.54 8.38 -7.08
N TYR A 180 11.71 9.01 -5.92
CA TYR A 180 12.40 8.38 -4.81
C TYR A 180 11.61 7.19 -4.26
N ALA A 181 10.31 7.39 -4.07
CA ALA A 181 9.45 6.35 -3.50
C ALA A 181 9.17 5.13 -4.38
N GLY A 182 9.42 5.25 -5.68
CA GLY A 182 9.18 4.12 -6.57
C GLY A 182 10.00 2.88 -6.29
N LEU A 183 11.15 3.04 -5.64
CA LEU A 183 12.02 1.91 -5.36
C LEU A 183 11.47 0.94 -4.31
N VAL A 184 11.01 1.49 -3.19
CA VAL A 184 10.49 0.73 -2.07
C VAL A 184 9.86 -0.64 -2.33
N PHE A 185 8.68 -0.64 -2.94
CA PHE A 185 7.97 -1.89 -3.18
C PHE A 185 8.46 -2.73 -4.35
N ASN A 186 9.26 -2.12 -5.22
CA ASN A 186 9.80 -2.87 -6.35
C ASN A 186 10.97 -3.69 -5.82
N ALA A 187 11.57 -3.19 -4.73
CA ALA A 187 12.70 -3.84 -4.10
C ALA A 187 12.33 -5.15 -3.43
N PHE A 188 11.03 -5.37 -3.23
CA PHE A 188 10.57 -6.61 -2.61
C PHE A 188 10.42 -7.70 -3.67
N GLY A 189 10.65 -7.32 -4.92
CA GLY A 189 10.56 -8.27 -6.02
C GLY A 189 11.95 -8.69 -6.46
N PRO A 190 12.04 -9.54 -7.50
CA PRO A 190 13.36 -9.99 -7.95
C PRO A 190 14.11 -8.89 -8.69
N PRO A 191 15.41 -9.12 -8.97
CA PRO A 191 16.21 -8.12 -9.67
C PRO A 191 15.87 -8.17 -11.16
N ASN A 192 14.70 -7.64 -11.50
CA ASN A 192 14.25 -7.61 -12.90
C ASN A 192 14.29 -6.18 -13.40
N GLU A 193 13.78 -5.98 -14.61
CA GLU A 193 13.78 -4.65 -15.21
C GLU A 193 13.01 -3.63 -14.36
N LEU A 194 11.88 -4.06 -13.78
CA LEU A 194 11.11 -3.14 -12.95
C LEU A 194 11.98 -2.66 -11.78
N ARG A 195 12.69 -3.61 -11.17
CA ARG A 195 13.57 -3.32 -10.03
C ARG A 195 14.72 -2.39 -10.43
N GLN A 196 15.42 -2.78 -11.50
CA GLN A 196 16.55 -2.03 -12.02
C GLN A 196 16.14 -0.60 -12.38
N SER A 197 14.97 -0.45 -13.01
CA SER A 197 14.49 0.87 -13.42
C SER A 197 14.12 1.76 -12.24
N ALA A 198 13.56 1.16 -11.19
CA ALA A 198 13.17 1.92 -10.01
C ALA A 198 14.41 2.36 -9.25
N ILE A 199 15.43 1.51 -9.21
CA ILE A 199 16.67 1.85 -8.53
C ILE A 199 17.30 3.05 -9.20
N GLU A 200 17.40 3.01 -10.53
CA GLU A 200 17.99 4.11 -11.29
C GLU A 200 17.17 5.39 -11.20
N ARG A 201 15.85 5.26 -11.16
CA ARG A 201 14.99 6.42 -11.08
C ARG A 201 15.05 7.07 -9.71
N SER A 202 15.28 6.25 -8.68
CA SER A 202 15.35 6.71 -7.30
C SER A 202 16.71 7.27 -6.88
N ALA A 203 17.78 6.71 -7.41
CA ALA A 203 19.15 7.12 -7.07
C ALA A 203 19.42 8.63 -6.96
N PRO A 204 19.09 9.40 -8.01
CA PRO A 204 19.32 10.85 -8.01
C PRO A 204 18.59 11.62 -6.92
N HIS A 205 17.67 10.97 -6.22
CA HIS A 205 16.88 11.62 -5.17
C HIS A 205 17.09 11.06 -3.77
N GLN A 206 17.85 9.98 -3.68
CA GLN A 206 18.13 9.33 -2.38
C GLN A 206 18.69 10.29 -1.32
N ALA A 207 19.84 10.89 -1.61
CA ALA A 207 20.47 11.81 -0.66
C ALA A 207 19.58 13.01 -0.37
N TYR A 208 18.90 13.50 -1.40
CA TYR A 208 18.02 14.65 -1.27
C TYR A 208 16.87 14.37 -0.28
N VAL A 209 16.21 13.22 -0.43
CA VAL A 209 15.10 12.88 0.45
C VAL A 209 15.56 12.55 1.86
N ALA A 210 16.69 11.85 1.98
CA ALA A 210 17.21 11.50 3.30
C ALA A 210 17.55 12.77 4.07
N GLU A 211 18.08 13.75 3.37
CA GLU A 211 18.45 15.04 3.98
C GLU A 211 17.22 15.71 4.57
N GLN A 212 16.11 15.67 3.84
CA GLN A 212 14.89 16.30 4.31
C GLN A 212 14.27 15.59 5.52
N CYS A 213 14.79 14.41 5.85
CA CYS A 213 14.29 13.66 6.99
C CYS A 213 15.11 13.89 8.26
N GLN A 214 16.20 14.67 8.15
CA GLN A 214 17.04 14.96 9.31
C GLN A 214 16.30 16.01 10.15
N ARG A 215 16.43 15.92 11.47
CA ARG A 215 15.71 16.83 12.36
C ARG A 215 15.72 18.33 12.05
N PRO A 216 16.88 18.88 11.67
CA PRO A 216 16.93 20.32 11.37
C PRO A 216 16.05 20.76 10.20
N ASN A 217 15.76 19.83 9.30
CA ASN A 217 14.98 20.15 8.11
C ASN A 217 13.48 19.90 8.17
N LEU A 218 12.99 19.43 9.31
CA LEU A 218 11.56 19.16 9.48
C LEU A 218 10.83 20.34 10.13
N ALA A 219 9.62 20.63 9.68
CA ALA A 219 8.84 21.71 10.27
C ALA A 219 8.35 21.21 11.63
N PRO A 220 8.30 22.10 12.63
CA PRO A 220 7.84 21.69 13.96
C PRO A 220 6.40 21.19 13.94
N GLY A 221 6.08 20.27 14.83
CA GLY A 221 4.72 19.75 14.91
C GLY A 221 4.32 18.64 13.95
N GLY A 222 5.08 18.45 12.87
CA GLY A 222 4.75 17.41 11.91
C GLY A 222 5.09 16.01 12.39
N PHE A 223 4.76 14.99 11.59
CA PHE A 223 5.06 13.61 11.95
C PHE A 223 6.56 13.44 12.17
N GLY A 224 7.34 14.02 11.28
CA GLY A 224 8.79 13.92 11.37
C GLY A 224 9.39 14.45 12.67
N ALA A 225 9.02 15.68 13.02
CA ALA A 225 9.54 16.29 14.25
C ALA A 225 9.09 15.53 15.48
N CYS A 226 7.86 15.04 15.47
CA CYS A 226 7.33 14.30 16.61
C CYS A 226 8.09 12.99 16.80
N ILE A 227 8.51 12.38 15.70
CA ILE A 227 9.27 11.15 15.76
C ILE A 227 10.64 11.43 16.38
N HIS A 228 11.27 12.52 15.96
CA HIS A 228 12.57 12.91 16.46
C HIS A 228 12.54 13.20 17.97
N ALA A 229 11.40 13.65 18.47
CA ALA A 229 11.27 13.94 19.90
C ALA A 229 11.52 12.68 20.73
N PHE A 230 11.23 11.51 20.15
CA PHE A 230 11.45 10.25 20.85
C PHE A 230 12.92 9.91 21.00
N SER A 231 13.78 10.63 20.29
CA SER A 231 15.22 10.42 20.40
C SER A 231 15.69 11.05 21.70
N ASP A 232 15.06 12.16 22.06
CA ASP A 232 15.39 12.90 23.27
C ASP A 232 15.11 12.14 24.56
N THR A 233 14.18 11.18 24.51
CA THR A 233 13.84 10.40 25.69
C THR A 233 14.57 9.07 25.75
N GLY A 234 14.95 8.55 24.58
CA GLY A 234 15.67 7.29 24.57
C GLY A 234 14.96 6.12 23.91
N GLU A 235 13.66 6.27 23.64
CA GLU A 235 12.90 5.19 23.01
C GLU A 235 13.60 4.72 21.73
N ILE A 236 14.19 5.68 21.01
CA ILE A 236 14.92 5.37 19.78
C ILE A 236 16.16 6.23 19.76
N THR A 237 17.16 5.81 18.99
CA THR A 237 18.42 6.55 18.90
C THR A 237 18.32 7.68 17.87
N PRO A 238 19.26 8.62 17.92
CA PRO A 238 19.27 9.74 16.97
C PRO A 238 19.43 9.26 15.54
N GLU A 239 20.06 8.10 15.38
CA GLU A 239 20.28 7.52 14.05
C GLU A 239 19.03 6.82 13.54
N GLU A 240 18.25 6.25 14.46
CA GLU A 240 17.02 5.57 14.08
C GLU A 240 15.95 6.56 13.65
N ALA A 241 15.86 7.68 14.38
CA ALA A 241 14.87 8.72 14.11
C ALA A 241 14.67 9.10 12.63
N PRO A 242 15.73 9.57 11.95
CA PRO A 242 15.55 9.94 10.53
C PRO A 242 15.16 8.77 9.65
N LEU A 243 15.54 7.56 10.05
CA LEU A 243 15.21 6.36 9.28
C LEU A 243 13.73 6.05 9.40
N LEU A 244 13.19 6.25 10.61
CA LEU A 244 11.77 6.00 10.85
C LEU A 244 10.94 7.05 10.13
N VAL A 245 11.46 8.26 10.05
CA VAL A 245 10.77 9.34 9.36
C VAL A 245 10.67 8.98 7.88
N ARG A 246 11.81 8.60 7.31
CA ARG A 246 11.87 8.25 5.91
C ARG A 246 11.01 7.02 5.59
N SER A 247 10.86 6.12 6.57
CA SER A 247 10.06 4.92 6.37
C SER A 247 8.61 5.28 6.08
N LEU A 248 8.12 6.35 6.72
CA LEU A 248 6.75 6.77 6.49
C LEU A 248 6.56 7.23 5.05
N LEU A 249 7.51 8.01 4.55
CA LEU A 249 7.45 8.47 3.17
C LEU A 249 7.44 7.30 2.23
N SER A 250 8.46 6.44 2.37
CA SER A 250 8.62 5.24 1.55
C SER A 250 7.36 4.40 1.51
N ALA A 251 6.90 4.00 2.70
CA ALA A 251 5.72 3.14 2.82
C ALA A 251 4.40 3.81 2.50
N GLY A 252 4.36 5.14 2.56
CA GLY A 252 3.12 5.83 2.31
C GLY A 252 2.81 6.51 0.99
N LEU A 253 3.81 6.74 0.16
CA LEU A 253 3.58 7.43 -1.10
C LEU A 253 2.88 6.63 -2.19
N ASP A 254 3.51 5.59 -2.74
CA ASP A 254 2.87 4.82 -3.82
C ASP A 254 1.57 4.18 -3.41
N THR A 255 1.53 3.69 -2.18
CA THR A 255 0.34 3.04 -1.65
C THR A 255 -0.86 3.98 -1.62
N THR A 256 -0.67 5.18 -1.08
CA THR A 256 -1.74 6.15 -1.02
C THR A 256 -2.15 6.60 -2.41
N VAL A 257 -1.17 6.83 -3.28
CA VAL A 257 -1.48 7.25 -4.65
C VAL A 257 -2.31 6.16 -5.31
N ASN A 258 -1.87 4.92 -5.18
CA ASN A 258 -2.59 3.79 -5.78
C ASN A 258 -3.96 3.59 -5.14
N GLY A 259 -4.08 3.93 -3.86
CA GLY A 259 -5.35 3.79 -3.16
C GLY A 259 -6.39 4.78 -3.68
N ILE A 260 -6.00 6.05 -3.75
CA ILE A 260 -6.92 7.06 -4.25
C ILE A 260 -7.25 6.73 -5.71
N ALA A 261 -6.25 6.28 -6.45
CA ALA A 261 -6.41 5.91 -7.85
C ALA A 261 -7.44 4.80 -8.00
N ALA A 262 -7.34 3.79 -7.14
CA ALA A 262 -8.29 2.67 -7.20
C ALA A 262 -9.71 3.14 -6.94
N ALA A 263 -9.88 3.97 -5.90
CA ALA A 263 -11.21 4.46 -5.54
C ALA A 263 -11.84 5.29 -6.65
N VAL A 264 -11.04 6.15 -7.30
CA VAL A 264 -11.55 6.97 -8.39
C VAL A 264 -11.85 6.08 -9.59
N TYR A 265 -10.94 5.14 -9.86
CA TYR A 265 -11.11 4.21 -10.96
C TYR A 265 -12.39 3.42 -10.80
N CYS A 266 -12.62 2.90 -9.59
CA CYS A 266 -13.81 2.11 -9.31
C CYS A 266 -15.10 2.92 -9.46
N LEU A 267 -15.13 4.10 -8.84
CA LEU A 267 -16.31 4.96 -8.91
C LEU A 267 -16.55 5.46 -10.33
N ALA A 268 -15.47 5.65 -11.08
CA ALA A 268 -15.60 6.11 -12.45
C ALA A 268 -16.13 5.00 -13.35
N ARG A 269 -15.70 3.76 -13.10
CA ARG A 269 -16.15 2.64 -13.93
C ARG A 269 -17.55 2.14 -13.60
N PHE A 270 -17.92 2.25 -12.32
CA PHE A 270 -19.24 1.78 -11.89
C PHE A 270 -20.05 2.99 -11.41
N PRO A 271 -20.68 3.70 -12.35
CA PRO A 271 -21.50 4.89 -12.11
C PRO A 271 -22.62 4.71 -11.11
N ASP A 272 -23.16 3.51 -10.99
CA ASP A 272 -24.25 3.31 -10.05
C ASP A 272 -23.73 3.38 -8.61
N GLU A 273 -22.47 3.02 -8.42
CA GLU A 273 -21.90 3.09 -7.08
C GLU A 273 -21.60 4.53 -6.75
N PHE A 274 -21.17 5.31 -7.75
CA PHE A 274 -20.88 6.71 -7.48
C PHE A 274 -22.21 7.42 -7.20
N ALA A 275 -23.29 6.88 -7.76
CA ALA A 275 -24.62 7.43 -7.55
C ALA A 275 -25.04 7.21 -6.10
N ARG A 276 -24.71 6.05 -5.56
CA ARG A 276 -25.04 5.74 -4.17
C ARG A 276 -24.29 6.70 -3.27
N LEU A 277 -23.03 6.92 -3.60
CA LEU A 277 -22.17 7.83 -2.86
C LEU A 277 -22.71 9.25 -2.87
N ARG A 278 -23.12 9.73 -4.04
CA ARG A 278 -23.65 11.07 -4.16
C ARG A 278 -24.94 11.20 -3.35
N ALA A 279 -25.73 10.13 -3.33
CA ALA A 279 -26.99 10.13 -2.60
C ALA A 279 -26.74 10.08 -1.10
N ASP A 280 -25.60 9.54 -0.70
CA ASP A 280 -25.25 9.48 0.72
C ASP A 280 -23.73 9.60 0.89
N PRO A 281 -23.23 10.85 0.94
CA PRO A 281 -21.81 11.14 1.09
C PRO A 281 -21.16 10.50 2.32
N SER A 282 -21.97 10.07 3.28
CA SER A 282 -21.44 9.45 4.48
C SER A 282 -20.82 8.10 4.16
N LEU A 283 -21.00 7.64 2.93
CA LEU A 283 -20.44 6.36 2.49
C LEU A 283 -19.02 6.51 1.95
N ALA A 284 -18.52 7.74 1.96
CA ALA A 284 -17.18 8.04 1.46
C ALA A 284 -16.10 7.14 2.05
N ARG A 285 -16.06 7.03 3.37
CA ARG A 285 -15.04 6.20 4.00
C ARG A 285 -15.11 4.74 3.57
N ASN A 286 -16.31 4.17 3.50
CA ASN A 286 -16.45 2.77 3.12
C ASN A 286 -16.21 2.56 1.63
N ALA A 287 -16.51 3.56 0.81
CA ALA A 287 -16.29 3.45 -0.63
C ALA A 287 -14.79 3.36 -0.87
N PHE A 288 -14.01 4.02 -0.02
CA PHE A 288 -12.57 3.99 -0.14
C PHE A 288 -12.06 2.66 0.40
N GLU A 289 -12.64 2.21 1.51
CA GLU A 289 -12.23 0.96 2.11
C GLU A 289 -12.52 -0.18 1.12
N GLU A 290 -13.68 -0.13 0.48
CA GLU A 290 -14.06 -1.15 -0.49
C GLU A 290 -13.11 -1.12 -1.69
N ALA A 291 -12.65 0.08 -2.04
CA ALA A 291 -11.72 0.22 -3.17
C ALA A 291 -10.39 -0.46 -2.83
N VAL A 292 -9.99 -0.36 -1.56
CA VAL A 292 -8.76 -0.97 -1.10
C VAL A 292 -8.87 -2.50 -1.16
N ARG A 293 -10.05 -3.03 -0.83
CA ARG A 293 -10.24 -4.49 -0.88
C ARG A 293 -10.27 -4.95 -2.34
N PHE A 294 -11.08 -4.26 -3.13
CA PHE A 294 -11.30 -4.57 -4.55
C PHE A 294 -10.06 -4.42 -5.44
N GLU A 295 -9.34 -3.33 -5.25
CA GLU A 295 -8.14 -3.04 -6.02
C GLU A 295 -7.02 -2.73 -5.05
N SER A 296 -6.62 -3.77 -4.33
CA SER A 296 -5.58 -3.70 -3.30
C SER A 296 -4.24 -3.16 -3.76
N PRO A 297 -3.88 -1.93 -3.32
CA PRO A 297 -2.60 -1.29 -3.69
C PRO A 297 -1.40 -2.19 -3.46
N VAL A 298 -1.33 -2.80 -2.27
CA VAL A 298 -0.25 -3.72 -1.95
C VAL A 298 -0.77 -5.12 -2.29
N GLN A 299 -0.29 -5.68 -3.38
CA GLN A 299 -0.74 -6.99 -3.84
C GLN A 299 -0.08 -8.18 -3.16
N THR A 300 1.24 -8.13 -2.98
CA THR A 300 1.97 -9.24 -2.37
C THR A 300 3.22 -8.78 -1.62
N PHE A 301 3.82 -9.73 -0.91
CA PHE A 301 5.06 -9.59 -0.16
C PHE A 301 5.32 -10.91 0.55
N PHE A 302 6.53 -11.09 1.07
CA PHE A 302 6.90 -12.34 1.72
C PHE A 302 7.01 -12.36 3.23
N ARG A 303 7.15 -13.59 3.72
CA ARG A 303 7.40 -13.91 5.12
C ARG A 303 8.38 -15.06 4.97
N THR A 304 9.13 -15.37 6.04
CA THR A 304 10.08 -16.46 5.98
C THR A 304 9.83 -17.36 7.19
N THR A 305 9.78 -18.67 6.99
CA THR A 305 9.56 -19.58 8.10
C THR A 305 10.79 -19.66 9.00
N THR A 306 10.56 -19.66 10.32
CA THR A 306 11.65 -19.73 11.27
C THR A 306 11.68 -21.11 11.93
N ARG A 307 10.79 -21.98 11.48
CA ARG A 307 10.69 -23.33 12.03
C ARG A 307 9.96 -24.22 11.03
N ASP A 308 10.05 -25.53 11.23
CA ASP A 308 9.35 -26.47 10.36
C ASP A 308 7.89 -26.34 10.79
N VAL A 309 6.99 -26.17 9.83
CA VAL A 309 5.58 -26.03 10.20
C VAL A 309 4.64 -26.84 9.34
N GLU A 310 3.39 -26.88 9.79
CA GLU A 310 2.30 -27.55 9.10
C GLU A 310 1.30 -26.43 8.84
N LEU A 311 1.02 -26.16 7.58
CA LEU A 311 0.08 -25.11 7.21
C LEU A 311 -0.95 -25.64 6.22
N ALA A 312 -2.21 -25.67 6.63
CA ALA A 312 -3.29 -26.15 5.78
C ALA A 312 -2.96 -27.46 5.07
N GLY A 313 -2.42 -28.43 5.80
CA GLY A 313 -2.10 -29.71 5.21
C GLY A 313 -0.75 -29.83 4.55
N ALA A 314 -0.03 -28.73 4.45
CA ALA A 314 1.29 -28.73 3.83
C ALA A 314 2.41 -28.68 4.85
N THR A 315 3.53 -29.31 4.53
CA THR A 315 4.70 -29.28 5.39
C THR A 315 5.63 -28.24 4.78
N ILE A 316 6.04 -27.25 5.58
CA ILE A 316 6.94 -26.22 5.07
C ILE A 316 8.15 -26.18 5.99
N GLY A 317 9.32 -26.38 5.40
CA GLY A 317 10.54 -26.36 6.18
C GLY A 317 10.93 -24.99 6.68
N GLU A 318 11.83 -24.97 7.66
CA GLU A 318 12.34 -23.74 8.23
C GLU A 318 13.16 -23.04 7.15
N GLY A 319 13.25 -21.71 7.21
CA GLY A 319 14.02 -20.97 6.23
C GLY A 319 13.42 -20.97 4.83
N GLU A 320 12.10 -21.04 4.75
CA GLU A 320 11.41 -21.06 3.47
C GLU A 320 10.67 -19.74 3.23
N LYS A 321 10.77 -19.22 2.00
CA LYS A 321 10.06 -17.99 1.66
C LYS A 321 8.62 -18.33 1.26
N VAL A 322 7.68 -17.53 1.77
CA VAL A 322 6.26 -17.73 1.49
C VAL A 322 5.64 -16.44 0.95
N LEU A 323 5.14 -16.50 -0.27
CA LEU A 323 4.55 -15.34 -0.92
C LEU A 323 3.04 -15.28 -0.67
N MET A 324 2.60 -14.17 -0.06
CA MET A 324 1.18 -13.95 0.24
C MET A 324 0.53 -13.06 -0.80
N PHE A 325 -0.67 -13.44 -1.25
CA PHE A 325 -1.41 -12.66 -2.24
C PHE A 325 -2.60 -11.97 -1.55
N LEU A 326 -2.38 -10.74 -1.09
CA LEU A 326 -3.41 -9.96 -0.42
C LEU A 326 -4.59 -9.61 -1.33
N GLY A 327 -4.29 -9.33 -2.59
CA GLY A 327 -5.36 -8.99 -3.52
C GLY A 327 -6.27 -10.19 -3.70
N SER A 328 -5.66 -11.36 -3.83
CA SER A 328 -6.42 -12.60 -4.00
C SER A 328 -7.24 -12.90 -2.75
N ALA A 329 -6.65 -12.71 -1.59
CA ALA A 329 -7.35 -12.97 -0.34
C ALA A 329 -8.58 -12.06 -0.24
N ASN A 330 -8.44 -10.84 -0.74
CA ASN A 330 -9.54 -9.88 -0.71
C ASN A 330 -10.65 -10.15 -1.72
N ARG A 331 -10.44 -11.13 -2.60
CA ARG A 331 -11.44 -11.50 -3.59
C ARG A 331 -11.77 -12.99 -3.54
N ASP A 332 -11.42 -13.63 -2.42
CA ASP A 332 -11.67 -15.05 -2.24
C ASP A 332 -13.15 -15.31 -1.96
N PRO A 333 -13.84 -16.02 -2.86
CA PRO A 333 -15.26 -16.30 -2.66
C PRO A 333 -15.57 -17.09 -1.37
N ARG A 334 -14.53 -17.68 -0.79
CA ARG A 334 -14.71 -18.44 0.46
C ARG A 334 -14.96 -17.47 1.61
N ARG A 335 -14.53 -16.22 1.41
CA ARG A 335 -14.69 -15.20 2.44
C ARG A 335 -15.64 -14.08 2.03
N TRP A 336 -15.69 -13.75 0.75
CA TRP A 336 -16.54 -12.66 0.28
C TRP A 336 -17.64 -13.07 -0.68
N ASP A 337 -18.83 -12.51 -0.48
CA ASP A 337 -19.94 -12.78 -1.36
C ASP A 337 -19.74 -11.85 -2.55
N ASP A 338 -19.88 -12.37 -3.76
CA ASP A 338 -19.72 -11.57 -4.97
C ASP A 338 -18.44 -10.74 -4.83
N PRO A 339 -17.31 -11.42 -4.62
CA PRO A 339 -16.00 -10.76 -4.46
C PRO A 339 -15.59 -9.78 -5.55
N ASP A 340 -15.95 -10.11 -6.79
CA ASP A 340 -15.57 -9.27 -7.92
C ASP A 340 -16.50 -8.09 -8.19
N ARG A 341 -17.38 -7.78 -7.23
CA ARG A 341 -18.26 -6.64 -7.38
C ARG A 341 -17.83 -5.51 -6.45
N TYR A 342 -17.72 -4.30 -6.98
CA TYR A 342 -17.35 -3.14 -6.16
C TYR A 342 -18.65 -2.66 -5.53
N ASP A 343 -18.80 -2.89 -4.23
CA ASP A 343 -20.00 -2.53 -3.49
C ASP A 343 -19.63 -1.61 -2.33
N ILE A 344 -19.96 -0.32 -2.44
CA ILE A 344 -19.60 0.63 -1.39
C ILE A 344 -20.33 0.47 -0.06
N THR A 345 -21.31 -0.44 0.00
CA THR A 345 -22.04 -0.66 1.24
C THR A 345 -21.63 -2.00 1.85
N ARG A 346 -20.68 -2.67 1.21
CA ARG A 346 -20.21 -3.97 1.69
C ARG A 346 -19.58 -3.88 3.08
N LYS A 347 -19.73 -4.92 3.88
CA LYS A 347 -19.11 -4.94 5.21
C LYS A 347 -17.66 -5.29 4.90
N THR A 348 -16.80 -4.29 4.86
CA THR A 348 -15.38 -4.47 4.53
C THR A 348 -14.47 -4.91 5.67
N SER A 349 -14.95 -4.84 6.89
CA SER A 349 -14.12 -5.23 8.03
C SER A 349 -13.54 -6.62 7.82
N GLY A 350 -12.24 -6.76 8.04
CA GLY A 350 -11.60 -8.05 7.87
C GLY A 350 -10.75 -8.19 6.63
N HIS A 351 -10.89 -7.29 5.67
CA HIS A 351 -10.07 -7.37 4.46
C HIS A 351 -8.61 -7.17 4.83
N VAL A 352 -7.69 -7.67 4.01
CA VAL A 352 -6.27 -7.54 4.32
C VAL A 352 -5.51 -6.52 3.48
N GLY A 353 -6.23 -5.51 2.97
CA GLY A 353 -5.58 -4.49 2.16
C GLY A 353 -4.50 -3.73 2.92
N PHE A 354 -4.66 -3.61 4.24
CA PHE A 354 -3.68 -2.92 5.08
C PHE A 354 -2.95 -3.97 5.91
N GLY A 355 -3.09 -5.24 5.52
CA GLY A 355 -2.45 -6.31 6.25
C GLY A 355 -3.30 -6.74 7.44
N SER A 356 -2.66 -7.39 8.41
CA SER A 356 -3.38 -7.87 9.58
C SER A 356 -2.35 -8.30 10.62
N GLY A 357 -2.64 -8.04 11.89
CA GLY A 357 -1.70 -8.41 12.93
C GLY A 357 -0.78 -7.29 13.40
N VAL A 358 0.37 -7.67 13.95
CA VAL A 358 1.31 -6.70 14.49
C VAL A 358 1.86 -5.71 13.47
N HIS A 359 1.87 -6.09 12.19
CA HIS A 359 2.38 -5.21 11.14
C HIS A 359 1.30 -4.45 10.38
N MET A 360 0.03 -4.70 10.70
CA MET A 360 -1.07 -4.02 10.01
C MET A 360 -0.76 -2.52 9.86
N CYS A 361 -0.69 -2.06 8.61
CA CYS A 361 -0.36 -0.67 8.29
C CYS A 361 -0.53 0.35 9.42
N VAL A 362 0.58 0.85 9.96
CA VAL A 362 0.50 1.82 11.04
C VAL A 362 0.05 3.18 10.50
N GLY A 363 0.02 3.31 9.17
CA GLY A 363 -0.40 4.55 8.56
C GLY A 363 -1.80 4.51 7.96
N GLN A 364 -2.59 3.49 8.30
CA GLN A 364 -3.94 3.35 7.76
C GLN A 364 -4.89 4.50 8.06
N LEU A 365 -4.77 5.14 9.22
CA LEU A 365 -5.65 6.25 9.54
C LEU A 365 -5.36 7.46 8.66
N VAL A 366 -4.09 7.62 8.28
CA VAL A 366 -3.70 8.73 7.42
C VAL A 366 -4.27 8.46 6.02
N ALA A 367 -4.06 7.24 5.54
CA ALA A 367 -4.54 6.84 4.24
C ALA A 367 -6.06 6.95 4.14
N ARG A 368 -6.76 6.49 5.18
CA ARG A 368 -8.21 6.55 5.18
C ARG A 368 -8.73 7.98 5.27
N LEU A 369 -8.02 8.84 5.98
CA LEU A 369 -8.44 10.23 6.12
C LEU A 369 -8.43 10.85 4.72
N GLU A 370 -7.28 10.70 4.04
CA GLU A 370 -7.10 11.24 2.70
C GLU A 370 -8.14 10.71 1.72
N GLY A 371 -8.31 9.39 1.71
CA GLY A 371 -9.28 8.78 0.81
C GLY A 371 -10.70 9.24 1.07
N GLU A 372 -11.11 9.21 2.33
CA GLU A 372 -12.46 9.61 2.71
C GLU A 372 -12.74 11.03 2.25
N VAL A 373 -11.81 11.92 2.57
CA VAL A 373 -11.90 13.33 2.26
C VAL A 373 -11.95 13.64 0.76
N VAL A 374 -11.25 12.86 -0.05
CA VAL A 374 -11.26 13.08 -1.49
C VAL A 374 -12.61 12.65 -2.06
N LEU A 375 -13.09 11.49 -1.62
CA LEU A 375 -14.36 10.96 -2.10
C LEU A 375 -15.54 11.78 -1.61
N ALA A 376 -15.36 12.46 -0.48
CA ALA A 376 -16.43 13.29 0.08
C ALA A 376 -16.58 14.54 -0.78
N ALA A 377 -15.46 15.07 -1.24
CA ALA A 377 -15.45 16.27 -2.08
C ALA A 377 -16.08 15.91 -3.42
N LEU A 378 -15.77 14.72 -3.92
CA LEU A 378 -16.31 14.25 -5.19
C LEU A 378 -17.82 14.06 -5.10
N ALA A 379 -18.26 13.39 -4.05
CA ALA A 379 -19.67 13.13 -3.83
C ALA A 379 -20.50 14.40 -3.75
N ARG A 380 -19.93 15.46 -3.16
CA ARG A 380 -20.63 16.72 -3.01
C ARG A 380 -20.52 17.68 -4.20
N LYS A 381 -19.36 17.74 -4.83
CA LYS A 381 -19.11 18.66 -5.93
C LYS A 381 -19.25 18.12 -7.35
N VAL A 382 -19.22 16.79 -7.50
CA VAL A 382 -19.31 16.19 -8.83
C VAL A 382 -20.59 15.38 -9.04
N ALA A 383 -21.26 15.65 -10.16
CA ALA A 383 -22.51 14.98 -10.48
C ALA A 383 -22.34 13.67 -11.23
N ALA A 384 -21.24 13.55 -11.98
CA ALA A 384 -20.98 12.33 -12.74
C ALA A 384 -19.51 12.20 -13.07
N ILE A 385 -19.04 10.95 -13.13
CA ILE A 385 -17.64 10.65 -13.45
C ILE A 385 -17.60 9.59 -14.54
N GLU A 386 -16.74 9.77 -15.54
CA GLU A 386 -16.62 8.79 -16.61
C GLU A 386 -15.19 8.67 -17.12
N ILE A 387 -14.80 7.45 -17.49
CA ILE A 387 -13.46 7.23 -18.05
C ILE A 387 -13.52 7.86 -19.44
N ALA A 388 -12.61 8.78 -19.72
CA ALA A 388 -12.60 9.49 -20.99
C ALA A 388 -11.48 9.14 -21.97
N GLY A 389 -10.70 8.11 -21.68
CA GLY A 389 -9.62 7.76 -22.58
C GLY A 389 -8.97 6.46 -22.20
N PRO A 390 -7.91 6.05 -22.91
CA PRO A 390 -7.21 4.80 -22.64
C PRO A 390 -6.57 4.80 -21.27
N LEU A 391 -6.64 3.66 -20.61
CA LEU A 391 -6.09 3.49 -19.28
C LEU A 391 -4.67 2.93 -19.42
N LYS A 392 -3.77 3.38 -18.55
CA LYS A 392 -2.39 2.92 -18.57
C LYS A 392 -2.09 2.38 -17.17
N ARG A 393 -1.72 1.12 -17.08
CA ARG A 393 -1.45 0.54 -15.77
C ARG A 393 0.01 0.76 -15.37
N ARG A 394 0.22 1.02 -14.08
CA ARG A 394 1.58 1.23 -13.56
C ARG A 394 2.07 -0.09 -13.01
N PHE A 395 3.11 -0.63 -13.63
CA PHE A 395 3.68 -1.91 -13.22
C PHE A 395 4.69 -1.77 -12.08
N ASN A 396 4.52 -2.62 -11.07
CA ASN A 396 5.38 -2.62 -9.88
C ASN A 396 5.45 -4.08 -9.41
N ASN A 397 6.59 -4.50 -8.89
CA ASN A 397 6.75 -5.89 -8.45
C ASN A 397 5.76 -6.40 -7.39
N THR A 398 5.30 -5.51 -6.50
CA THR A 398 4.37 -5.95 -5.46
C THR A 398 3.12 -5.10 -5.32
N LEU A 399 3.06 -3.99 -6.05
CA LEU A 399 1.90 -3.10 -5.98
C LEU A 399 1.07 -3.11 -7.27
N ARG A 400 -0.20 -2.71 -7.15
CA ARG A 400 -1.08 -2.62 -8.28
C ARG A 400 -1.55 -1.16 -8.33
N GLY A 401 -1.42 -0.54 -9.49
CA GLY A 401 -1.82 0.85 -9.60
C GLY A 401 -1.94 1.29 -11.04
N LEU A 402 -2.27 2.56 -11.24
CA LEU A 402 -2.44 3.12 -12.58
C LEU A 402 -1.40 4.19 -12.87
N GLU A 403 -0.97 4.26 -14.13
CA GLU A 403 -0.01 5.26 -14.57
C GLU A 403 -0.79 6.45 -15.12
N SER A 404 -1.93 6.16 -15.74
CA SER A 404 -2.76 7.20 -16.32
C SER A 404 -4.21 6.76 -16.41
N LEU A 405 -5.11 7.70 -16.13
CA LEU A 405 -6.54 7.42 -16.19
C LEU A 405 -7.31 8.68 -16.54
N PRO A 406 -7.48 8.95 -17.84
CA PRO A 406 -8.23 10.15 -18.23
C PRO A 406 -9.70 10.00 -17.87
N ILE A 407 -10.24 11.01 -17.20
CA ILE A 407 -11.65 10.98 -16.81
C ILE A 407 -12.28 12.35 -17.01
N GLN A 408 -13.60 12.38 -17.04
CA GLN A 408 -14.34 13.61 -17.20
C GLN A 408 -15.24 13.80 -16.00
N LEU A 409 -15.03 14.90 -15.29
CA LEU A 409 -15.83 15.20 -14.11
C LEU A 409 -16.93 16.17 -14.51
N THR A 410 -18.17 15.82 -14.20
CA THR A 410 -19.30 16.69 -14.51
C THR A 410 -19.66 17.46 -13.24
N PRO A 411 -19.67 18.79 -13.32
CA PRO A 411 -19.99 19.67 -12.19
C PRO A 411 -21.39 19.47 -11.63
N ALA A 412 -21.52 19.64 -10.32
CA ALA A 412 -22.81 19.52 -9.65
C ALA A 412 -23.54 20.84 -9.94
#